data_4UP7
#
_entry.id   4UP7
#
_cell.length_a   155.765
_cell.length_b   155.765
_cell.length_c   95.292
_cell.angle_alpha   90.00
_cell.angle_beta   90.00
_cell.angle_gamma   120.00
#
_symmetry.space_group_name_H-M   'P 62'
#
loop_
_entity.id
_entity.type
_entity.pdbx_description
1 polymer 'LYSINE--TRNA LIGASE'
2 non-polymer "ADENOSINE-5'-[LYSYL-PHOSPHATE]"
#
_entity_poly.entity_id   1
_entity_poly.type   'polypeptide(L)'
_entity_poly.pdbx_seq_one_letter_code
;MHHHHHHMLSKQLFLNRCKDVEEYQKAGHNPWPHKFNVSITVPEFIAKYSGLEKSQVSDDIVSVAGRVLSKRSSSSALMF
IDLHDSQTKLQIMLNKSAYENKEDFVSLTKMIYRGDICGFTGHPTRTKTGELSLIPISGMILSPCLHMLPSMHYGLGDQE
TRFRKRYLDLIVNPESVKNFVLRTKVVKAVRKYLDDKGFLEVETPILNTIPGGATARPFITHHNQLDIQMYMRIAPELYL
KELVVGGINRVYEIGRLFRNEGIDQTHNPEFTTCEFYMAYADYNDIMKMTEELLGNMVKDITGGSTKLEIKDRLMDINNE
EDIKMLEKFFKEPIPRPFNSAECSKVIEKHCTELNYYYDGNNEKAMKKLFADFVTEKKMVLDFTAPFKRISYVHALEEKF
GEKIPRPLDGPEALTFLKKQAIRFNAICAEPQTTARVMDKLFGDLIEVDLVQPTFVCDQPQLMSPLAKYHRSEPELTERF
ELFILKREIANAYTELNNPIVQRSNFEQQAKDKAAGDDEAQLVDEVFLDAIEHAFPPTGGWGLGIDRLAMLLADVDNIKE
VILFPTMRPEDELEKKAREAKEDAMVAQELAATEEKGGKKVVKPKANKQQPVKEVLDGFQLEIRVGKIVEAGPHPNSEHL
LALKVDVGEEKPRSVVAGLAEHYKPEELLNQKATFVCNLKPSKLRGVASEAMILAATSLDGTKVKFCHPSADAAIGAQVI
PKEGKVTISAKKISIDVVGKMNLALKGGLVRTNDVPLIVKDTELTVTVDEVIDGTVR
;
_entity_poly.pdbx_strand_id   A
#
loop_
_chem_comp.id
_chem_comp.type
_chem_comp.name
_chem_comp.formula
LAD non-polymer ADENOSINE-5'-[LYSYL-PHOSPHATE] 'C16 H26 N7 O8 P'
#
# COMPACT_ATOMS: atom_id res chain seq x y z
N HIS A 2 4.21 -15.74 -41.94
CA HIS A 2 4.49 -14.34 -41.61
C HIS A 2 3.47 -13.43 -42.32
N HIS A 3 3.18 -12.27 -41.74
CA HIS A 3 3.84 -11.76 -40.55
C HIS A 3 3.14 -12.10 -39.24
N HIS A 4 2.36 -13.18 -39.22
CA HIS A 4 1.71 -13.60 -37.98
C HIS A 4 2.67 -14.39 -37.11
N HIS A 5 2.12 -15.21 -36.21
CA HIS A 5 2.87 -15.84 -35.13
C HIS A 5 3.54 -14.76 -34.27
N HIS A 6 2.77 -14.09 -33.43
CA HIS A 6 3.23 -12.87 -32.77
C HIS A 6 4.25 -13.08 -31.65
N HIS A 7 4.04 -14.06 -30.77
CA HIS A 7 4.97 -14.35 -29.69
C HIS A 7 5.77 -15.60 -30.03
N MET A 8 6.42 -15.58 -31.19
CA MET A 8 7.15 -16.73 -31.74
C MET A 8 8.38 -17.14 -30.90
N LEU A 9 9.31 -16.20 -30.79
CA LEU A 9 10.59 -16.44 -30.14
C LEU A 9 10.44 -16.85 -28.68
N SER A 10 9.46 -16.29 -27.99
CA SER A 10 9.23 -16.60 -26.59
C SER A 10 8.75 -18.03 -26.41
N LYS A 11 7.79 -18.44 -27.24
CA LYS A 11 7.32 -19.81 -27.24
C LYS A 11 8.47 -20.77 -27.51
N GLN A 12 9.26 -20.46 -28.54
CA GLN A 12 10.41 -21.28 -28.89
C GLN A 12 11.38 -21.41 -27.72
N LEU A 13 11.64 -20.29 -27.04
CA LEU A 13 12.54 -20.28 -25.90
C LEU A 13 12.02 -21.13 -24.75
N PHE A 14 10.73 -21.02 -24.46
CA PHE A 14 10.12 -21.80 -23.40
C PHE A 14 10.24 -23.30 -23.68
N LEU A 15 9.85 -23.69 -24.90
CA LEU A 15 9.92 -25.08 -25.31
C LEU A 15 11.35 -25.61 -25.19
N ASN A 16 12.31 -24.84 -25.71
CA ASN A 16 13.70 -25.23 -25.66
C ASN A 16 14.23 -25.34 -24.24
N ARG A 17 13.76 -24.48 -23.35
CA ARG A 17 14.16 -24.53 -21.94
C ARG A 17 13.64 -25.79 -21.28
N CYS A 18 12.38 -26.13 -21.55
CA CYS A 18 11.80 -27.36 -21.04
C CYS A 18 12.61 -28.56 -21.54
N LYS A 19 12.98 -28.51 -22.82
CA LYS A 19 13.82 -29.55 -23.41
C LYS A 19 15.17 -29.64 -22.69
N ASP A 20 15.71 -28.49 -22.33
CA ASP A 20 17.00 -28.41 -21.65
C ASP A 20 16.95 -29.06 -20.27
N VAL A 21 15.93 -28.72 -19.48
CA VAL A 21 15.83 -29.29 -18.13
C VAL A 21 15.47 -30.77 -18.21
N GLU A 22 14.82 -31.17 -19.30
CA GLU A 22 14.50 -32.58 -19.51
C GLU A 22 15.78 -33.37 -19.76
N GLU A 23 16.62 -32.85 -20.67
CA GLU A 23 17.91 -33.47 -20.96
C GLU A 23 18.79 -33.50 -19.71
N TYR A 24 18.71 -32.43 -18.93
CA TYR A 24 19.47 -32.30 -17.69
C TYR A 24 19.02 -33.36 -16.68
N GLN A 25 17.72 -33.65 -16.69
CA GLN A 25 17.17 -34.63 -15.78
C GLN A 25 17.51 -36.05 -16.22
N LYS A 26 17.57 -36.27 -17.53
CA LYS A 26 17.97 -37.57 -18.06
C LYS A 26 19.44 -37.85 -17.79
N ALA A 27 20.23 -36.79 -17.65
CA ALA A 27 21.67 -36.92 -17.44
C ALA A 27 22.01 -37.27 -16.00
N GLY A 28 20.97 -37.34 -15.16
CA GLY A 28 21.16 -37.76 -13.77
C GLY A 28 21.14 -36.61 -12.77
N HIS A 29 20.75 -35.43 -13.22
CA HIS A 29 20.69 -34.27 -12.35
C HIS A 29 19.24 -33.85 -12.07
N ASN A 30 18.91 -33.67 -10.81
CA ASN A 30 17.57 -33.23 -10.42
C ASN A 30 17.47 -31.71 -10.46
N PRO A 31 16.65 -31.17 -11.38
CA PRO A 31 16.51 -29.72 -11.56
C PRO A 31 15.80 -29.06 -10.38
N TRP A 32 15.01 -29.83 -9.65
CA TRP A 32 14.28 -29.30 -8.50
C TRP A 32 14.53 -30.10 -7.23
N PRO A 33 15.72 -29.90 -6.61
CA PRO A 33 16.04 -30.58 -5.37
C PRO A 33 15.07 -30.22 -4.25
N HIS A 34 14.73 -31.19 -3.40
CA HIS A 34 13.78 -30.96 -2.32
C HIS A 34 14.33 -30.01 -1.27
N LYS A 35 15.53 -30.32 -0.77
CA LYS A 35 16.11 -29.58 0.35
C LYS A 35 17.56 -29.20 0.12
N PHE A 36 17.83 -27.90 0.16
CA PHE A 36 19.19 -27.39 0.19
C PHE A 36 19.35 -26.52 1.43
N ASN A 37 20.33 -26.84 2.26
CA ASN A 37 20.53 -26.09 3.50
C ASN A 37 21.37 -24.84 3.28
N VAL A 38 20.73 -23.68 3.44
CA VAL A 38 21.42 -22.40 3.36
C VAL A 38 21.94 -22.02 4.74
N SER A 39 23.27 -22.01 4.88
CA SER A 39 23.89 -21.74 6.18
C SER A 39 23.92 -20.26 6.50
N ILE A 40 23.86 -19.42 5.48
CA ILE A 40 23.97 -17.97 5.69
C ILE A 40 23.37 -17.18 4.53
N THR A 41 22.67 -16.10 4.88
CA THR A 41 22.11 -15.20 3.88
C THR A 41 23.19 -14.22 3.43
N VAL A 42 23.07 -13.70 2.21
CA VAL A 42 24.11 -12.83 1.70
C VAL A 42 24.19 -11.46 2.40
N PRO A 43 23.09 -10.97 3.03
CA PRO A 43 23.39 -9.79 3.86
C PRO A 43 24.21 -10.15 5.08
N GLU A 44 23.95 -11.31 5.67
CA GLU A 44 24.73 -11.82 6.80
C GLU A 44 26.15 -12.13 6.32
N PHE A 45 26.25 -12.69 5.13
CA PHE A 45 27.54 -12.99 4.51
C PHE A 45 28.39 -11.73 4.40
N ILE A 46 27.81 -10.69 3.82
CA ILE A 46 28.49 -9.40 3.67
C ILE A 46 28.85 -8.80 5.03
N ALA A 47 27.92 -8.90 5.97
CA ALA A 47 28.14 -8.34 7.30
C ALA A 47 29.26 -9.04 8.05
N LYS A 48 29.48 -10.31 7.74
CA LYS A 48 30.45 -11.12 8.47
C LYS A 48 31.84 -11.16 7.80
N TYR A 49 31.87 -11.14 6.48
CA TYR A 49 33.12 -11.39 5.76
C TYR A 49 33.66 -10.20 4.98
N SER A 50 33.07 -9.02 5.16
CA SER A 50 33.52 -7.83 4.45
C SER A 50 34.89 -7.37 4.94
N GLY A 51 35.30 -7.86 6.11
CA GLY A 51 36.59 -7.50 6.68
C GLY A 51 37.75 -8.12 5.93
N LEU A 52 37.45 -9.09 5.08
CA LEU A 52 38.48 -9.74 4.26
C LEU A 52 39.18 -8.75 3.34
N GLU A 53 40.49 -8.87 3.23
CA GLU A 53 41.26 -8.03 2.34
C GLU A 53 41.39 -8.70 0.98
N LYS A 54 42.03 -8.01 0.04
CA LYS A 54 42.17 -8.54 -1.31
C LYS A 54 43.06 -9.79 -1.33
N SER A 55 42.65 -10.77 -2.13
CA SER A 55 43.35 -12.05 -2.27
C SER A 55 43.33 -12.89 -1.00
N GLN A 56 42.50 -12.52 -0.04
CA GLN A 56 42.39 -13.26 1.21
C GLN A 56 41.24 -14.26 1.15
N VAL A 57 41.51 -15.49 1.60
CA VAL A 57 40.51 -16.55 1.58
C VAL A 57 40.27 -17.12 2.98
N SER A 58 39.01 -17.11 3.41
CA SER A 58 38.65 -17.63 4.72
C SER A 58 38.64 -19.16 4.73
N ASP A 59 38.98 -19.74 5.87
CA ASP A 59 38.98 -21.20 6.03
C ASP A 59 37.56 -21.72 6.23
N ASP A 60 36.63 -20.81 6.51
CA ASP A 60 35.24 -21.17 6.74
C ASP A 60 34.58 -21.73 5.48
N ILE A 61 33.65 -22.65 5.66
CA ILE A 61 32.84 -23.17 4.57
C ILE A 61 31.38 -22.85 4.81
N VAL A 62 30.81 -21.99 3.96
CA VAL A 62 29.41 -21.62 4.10
C VAL A 62 28.62 -21.95 2.84
N SER A 63 27.30 -21.93 2.96
CA SER A 63 26.44 -22.22 1.83
C SER A 63 25.40 -21.12 1.62
N VAL A 64 25.35 -20.57 0.41
CA VAL A 64 24.39 -19.53 0.08
C VAL A 64 23.47 -19.99 -1.05
N ALA A 65 22.44 -19.21 -1.32
CA ALA A 65 21.50 -19.54 -2.39
C ALA A 65 20.74 -18.30 -2.84
N GLY A 66 20.49 -18.20 -4.13
CA GLY A 66 19.77 -17.04 -4.67
C GLY A 66 19.46 -17.16 -6.14
N ARG A 67 19.16 -16.03 -6.76
CA ARG A 67 18.83 -16.01 -8.18
C ARG A 67 19.98 -15.45 -9.02
N VAL A 68 20.37 -16.21 -10.04
CA VAL A 68 21.44 -15.78 -10.94
C VAL A 68 20.97 -14.67 -11.86
N LEU A 69 21.54 -13.48 -11.71
CA LEU A 69 21.15 -12.35 -12.57
C LEU A 69 22.22 -12.03 -13.61
N SER A 70 23.40 -12.63 -13.43
CA SER A 70 24.49 -12.44 -14.39
C SER A 70 25.33 -13.72 -14.51
N LYS A 71 25.81 -13.98 -15.72
CA LYS A 71 26.65 -15.15 -15.97
C LYS A 71 27.73 -14.82 -17.00
N ARG A 72 28.94 -14.58 -16.50
CA ARG A 72 30.06 -14.24 -17.36
C ARG A 72 31.24 -15.16 -17.06
N SER A 73 32.13 -15.34 -18.03
CA SER A 73 33.30 -16.19 -17.84
C SER A 73 34.51 -15.69 -18.61
N SER A 74 35.67 -15.76 -17.96
CA SER A 74 36.92 -15.36 -18.60
C SER A 74 37.48 -16.53 -19.41
N SER A 75 37.18 -17.74 -18.96
CA SER A 75 37.58 -18.95 -19.66
C SER A 75 36.66 -20.10 -19.28
N SER A 76 36.98 -21.31 -19.74
CA SER A 76 36.18 -22.48 -19.43
C SER A 76 36.47 -22.99 -18.02
N ALA A 77 37.54 -22.47 -17.42
CA ALA A 77 37.94 -22.89 -16.08
C ALA A 77 37.60 -21.84 -15.04
N LEU A 78 37.06 -20.70 -15.48
CA LEU A 78 36.75 -19.60 -14.59
C LEU A 78 35.47 -18.89 -15.00
N MET A 79 34.46 -18.94 -14.13
CA MET A 79 33.17 -18.32 -14.42
C MET A 79 32.74 -17.41 -13.27
N PHE A 80 32.06 -16.31 -13.59
CA PHE A 80 31.60 -15.37 -12.57
C PHE A 80 30.08 -15.21 -12.58
N ILE A 81 29.47 -15.45 -11.43
CA ILE A 81 28.01 -15.38 -11.30
C ILE A 81 27.59 -14.25 -10.35
N ASP A 82 26.55 -13.50 -10.72
CA ASP A 82 25.97 -12.55 -9.77
C ASP A 82 24.73 -13.16 -9.12
N LEU A 83 24.90 -13.61 -7.88
CA LEU A 83 23.84 -14.27 -7.13
C LEU A 83 23.11 -13.27 -6.24
N HIS A 84 21.80 -13.13 -6.47
CA HIS A 84 21.01 -12.15 -5.72
C HIS A 84 20.12 -12.81 -4.67
N ASP A 85 20.20 -12.28 -3.45
CA ASP A 85 19.38 -12.75 -2.33
C ASP A 85 19.04 -11.57 -1.43
N SER A 86 17.77 -11.48 -1.05
CA SER A 86 17.27 -10.37 -0.24
C SER A 86 17.66 -9.01 -0.83
N GLN A 87 17.49 -8.89 -2.14
CA GLN A 87 17.81 -7.67 -2.88
C GLN A 87 19.27 -7.26 -2.70
N THR A 88 20.14 -8.24 -2.53
CA THR A 88 21.56 -7.98 -2.35
C THR A 88 22.40 -8.90 -3.24
N LYS A 89 23.50 -8.36 -3.75
CA LYS A 89 24.34 -9.08 -4.70
C LYS A 89 25.58 -9.70 -4.06
N LEU A 90 25.84 -10.96 -4.39
CA LEU A 90 27.08 -11.62 -4.00
C LEU A 90 27.66 -12.36 -5.21
N GLN A 91 28.94 -12.14 -5.48
CA GLN A 91 29.59 -12.80 -6.61
C GLN A 91 30.00 -14.22 -6.25
N ILE A 92 29.75 -15.14 -7.18
CA ILE A 92 30.22 -16.51 -7.06
C ILE A 92 31.33 -16.73 -8.08
N MET A 93 32.54 -16.98 -7.60
CA MET A 93 33.67 -17.25 -8.49
C MET A 93 33.86 -18.75 -8.67
N LEU A 94 33.24 -19.28 -9.71
CA LEU A 94 33.39 -20.69 -10.06
C LEU A 94 34.75 -20.95 -10.69
N ASN A 95 35.71 -21.35 -9.86
CA ASN A 95 37.04 -21.73 -10.32
C ASN A 95 37.17 -23.25 -10.34
N LYS A 96 37.46 -23.80 -11.51
CA LYS A 96 37.46 -25.25 -11.71
C LYS A 96 38.45 -25.99 -10.80
N SER A 97 39.59 -25.36 -10.54
CA SER A 97 40.61 -25.97 -9.71
C SER A 97 40.16 -26.12 -8.26
N ALA A 98 39.16 -25.32 -7.87
CA ALA A 98 38.66 -25.34 -6.50
C ALA A 98 37.39 -26.16 -6.37
N TYR A 99 36.81 -26.56 -7.51
CA TYR A 99 35.61 -27.36 -7.52
C TYR A 99 35.96 -28.84 -7.35
N GLU A 100 35.27 -29.52 -6.44
CA GLU A 100 35.58 -30.91 -6.11
C GLU A 100 35.21 -31.86 -7.25
N ASN A 101 33.99 -31.76 -7.75
CA ASN A 101 33.51 -32.63 -8.81
C ASN A 101 33.60 -31.95 -10.18
N LYS A 102 34.63 -32.30 -10.93
CA LYS A 102 34.93 -31.65 -12.21
C LYS A 102 33.84 -31.86 -13.26
N GLU A 103 33.32 -33.08 -13.34
CA GLU A 103 32.24 -33.41 -14.26
C GLU A 103 31.01 -32.56 -13.92
N ASP A 104 30.68 -32.54 -12.63
CA ASP A 104 29.60 -31.70 -12.15
C ASP A 104 29.89 -30.23 -12.43
N PHE A 105 31.17 -29.86 -12.41
CA PHE A 105 31.55 -28.48 -12.71
C PHE A 105 31.20 -28.11 -14.14
N VAL A 106 31.64 -28.91 -15.11
CA VAL A 106 31.37 -28.58 -16.51
C VAL A 106 29.87 -28.66 -16.82
N SER A 107 29.19 -29.67 -16.29
CA SER A 107 27.77 -29.85 -16.55
C SER A 107 26.96 -28.69 -15.96
N LEU A 108 27.25 -28.33 -14.72
CA LEU A 108 26.55 -27.24 -14.04
C LEU A 108 26.82 -25.90 -14.70
N THR A 109 28.10 -25.61 -14.94
CA THR A 109 28.48 -24.34 -15.54
C THR A 109 27.92 -24.19 -16.95
N LYS A 110 27.70 -25.31 -17.63
CA LYS A 110 27.07 -25.24 -18.95
C LYS A 110 25.56 -25.07 -18.82
N MET A 111 24.96 -25.70 -17.82
CA MET A 111 23.51 -25.72 -17.68
C MET A 111 22.91 -24.42 -17.14
N ILE A 112 23.66 -23.75 -16.27
CA ILE A 112 23.15 -22.54 -15.58
C ILE A 112 22.66 -21.47 -16.56
N TYR A 113 21.43 -21.03 -16.35
CA TYR A 113 20.80 -20.03 -17.20
C TYR A 113 20.40 -18.81 -16.35
N ARG A 114 20.42 -17.63 -16.96
CA ARG A 114 20.11 -16.41 -16.22
C ARG A 114 18.66 -16.42 -15.73
N GLY A 115 18.49 -16.39 -14.41
CA GLY A 115 17.17 -16.46 -13.81
C GLY A 115 17.06 -17.66 -12.89
N ASP A 116 17.95 -18.62 -13.09
CA ASP A 116 17.95 -19.85 -12.30
C ASP A 116 18.21 -19.59 -10.82
N ILE A 117 17.47 -20.28 -9.98
CA ILE A 117 17.73 -20.29 -8.54
C ILE A 117 18.78 -21.35 -8.24
N CYS A 118 19.94 -20.91 -7.77
CA CYS A 118 21.06 -21.80 -7.50
C CYS A 118 21.53 -21.73 -6.06
N GLY A 119 22.23 -22.77 -5.64
CA GLY A 119 22.84 -22.83 -4.32
C GLY A 119 24.30 -23.22 -4.44
N PHE A 120 25.14 -22.63 -3.58
CA PHE A 120 26.58 -22.89 -3.63
C PHE A 120 27.16 -23.11 -2.25
N THR A 121 28.19 -23.94 -2.17
CA THR A 121 28.87 -24.22 -0.92
C THR A 121 30.38 -24.08 -1.08
N GLY A 122 30.99 -23.17 -0.32
CA GLY A 122 32.42 -22.94 -0.43
C GLY A 122 33.01 -21.93 0.53
N HIS A 123 34.18 -21.40 0.15
CA HIS A 123 34.93 -20.48 0.99
C HIS A 123 34.71 -19.02 0.60
N PRO A 124 34.38 -18.17 1.60
CA PRO A 124 34.28 -16.73 1.39
C PRO A 124 35.65 -16.12 1.04
N THR A 125 35.66 -15.08 0.22
CA THR A 125 36.91 -14.43 -0.16
C THR A 125 36.70 -13.02 -0.67
N ARG A 126 37.81 -12.31 -0.89
CA ARG A 126 37.79 -11.05 -1.61
C ARG A 126 38.89 -11.07 -2.66
N THR A 127 38.50 -10.90 -3.92
CA THR A 127 39.41 -11.06 -5.04
C THR A 127 40.38 -9.88 -5.17
N LYS A 128 41.30 -9.99 -6.12
CA LYS A 128 42.23 -8.90 -6.42
C LYS A 128 41.47 -7.67 -6.89
N THR A 129 40.34 -7.91 -7.53
CA THR A 129 39.50 -6.83 -8.06
C THR A 129 38.71 -6.15 -6.94
N GLY A 130 38.80 -6.69 -5.74
CA GLY A 130 38.14 -6.10 -4.58
C GLY A 130 36.70 -6.55 -4.41
N GLU A 131 36.28 -7.50 -5.25
CA GLU A 131 34.91 -8.00 -5.21
C GLU A 131 34.76 -9.12 -4.19
N LEU A 132 33.90 -8.90 -3.19
CA LEU A 132 33.60 -9.92 -2.20
C LEU A 132 32.87 -11.07 -2.89
N SER A 133 33.39 -12.29 -2.71
CA SER A 133 32.87 -13.43 -3.45
C SER A 133 32.87 -14.73 -2.62
N LEU A 134 32.34 -15.78 -3.24
CA LEU A 134 32.41 -17.12 -2.67
C LEU A 134 32.96 -18.10 -3.70
N ILE A 135 33.97 -18.85 -3.31
CA ILE A 135 34.55 -19.88 -4.17
C ILE A 135 33.96 -21.23 -3.78
N PRO A 136 33.07 -21.77 -4.63
CA PRO A 136 32.33 -23.00 -4.33
C PRO A 136 33.12 -24.28 -4.52
N ILE A 137 33.01 -25.18 -3.55
CA ILE A 137 33.53 -26.53 -3.69
C ILE A 137 32.50 -27.36 -4.43
N SER A 138 31.22 -27.07 -4.16
CA SER A 138 30.11 -27.72 -4.83
C SER A 138 29.01 -26.70 -5.13
N GLY A 139 28.10 -27.08 -6.00
CA GLY A 139 26.98 -26.22 -6.36
C GLY A 139 25.90 -27.01 -7.06
N MET A 140 24.72 -26.42 -7.17
CA MET A 140 23.60 -27.08 -7.83
C MET A 140 22.50 -26.10 -8.22
N ILE A 141 21.73 -26.47 -9.23
CA ILE A 141 20.55 -25.70 -9.62
C ILE A 141 19.39 -26.10 -8.73
N LEU A 142 18.75 -25.11 -8.10
CA LEU A 142 17.66 -25.37 -7.19
C LEU A 142 16.30 -25.21 -7.88
N SER A 143 16.25 -24.32 -8.87
CA SER A 143 15.03 -24.16 -9.67
C SER A 143 15.30 -23.42 -10.97
N PRO A 144 15.18 -24.12 -12.11
CA PRO A 144 15.49 -23.52 -13.42
C PRO A 144 14.46 -22.50 -13.88
N CYS A 145 14.94 -21.43 -14.52
CA CYS A 145 14.06 -20.41 -15.09
C CYS A 145 13.75 -20.75 -16.54
N LEU A 146 12.46 -20.80 -16.88
CA LEU A 146 12.03 -21.30 -18.18
C LEU A 146 11.67 -20.18 -19.15
N HIS A 147 11.71 -18.94 -18.69
CA HIS A 147 11.45 -17.80 -19.56
C HIS A 147 12.61 -16.81 -19.52
N MET A 148 12.56 -15.80 -20.38
CA MET A 148 13.60 -14.78 -20.42
C MET A 148 13.31 -13.66 -19.43
N LEU A 149 14.12 -13.56 -18.39
CA LEU A 149 14.01 -12.46 -17.45
C LEU A 149 14.33 -11.14 -18.14
N PRO A 150 13.50 -10.11 -17.90
CA PRO A 150 13.79 -8.77 -18.41
C PRO A 150 15.10 -8.24 -17.85
N SER A 151 15.74 -7.32 -18.56
CA SER A 151 16.96 -6.71 -18.07
C SER A 151 16.64 -5.67 -17.00
N MET A 152 17.63 -5.34 -16.17
CA MET A 152 17.47 -4.31 -15.16
C MET A 152 17.95 -2.96 -15.69
N HIS A 153 17.06 -1.96 -15.69
CA HIS A 153 15.69 -2.12 -15.23
C HIS A 153 14.74 -2.29 -16.41
N TYR A 154 13.46 -2.51 -16.12
CA TYR A 154 12.48 -2.71 -17.18
C TYR A 154 11.07 -2.29 -16.77
N GLY A 155 10.39 -1.60 -17.68
CA GLY A 155 9.01 -1.21 -17.47
C GLY A 155 8.83 -0.02 -16.57
N LEU A 156 9.94 0.64 -16.22
CA LEU A 156 9.91 1.78 -15.30
C LEU A 156 8.91 2.86 -15.72
N GLY A 157 8.70 2.99 -17.03
CA GLY A 157 7.68 3.89 -17.54
C GLY A 157 6.31 3.23 -17.52
N ASP A 158 6.19 2.12 -18.24
CA ASP A 158 4.94 1.38 -18.32
C ASP A 158 4.51 0.81 -16.97
N GLN A 159 3.56 1.48 -16.31
CA GLN A 159 3.09 1.03 -15.00
C GLN A 159 2.27 -0.26 -15.12
N GLU A 160 1.62 -0.43 -16.26
CA GLU A 160 0.75 -1.58 -16.51
C GLU A 160 1.47 -2.90 -16.30
N THR A 161 2.49 -3.15 -17.13
CA THR A 161 3.25 -4.39 -17.06
C THR A 161 3.97 -4.54 -15.72
N ARG A 162 4.28 -3.42 -15.09
CA ARG A 162 4.90 -3.44 -13.76
C ARG A 162 3.97 -4.06 -12.73
N PHE A 163 2.74 -3.56 -12.69
CA PHE A 163 1.81 -3.96 -11.64
C PHE A 163 0.94 -5.15 -12.03
N ARG A 164 1.10 -5.63 -13.27
CA ARG A 164 0.40 -6.83 -13.71
C ARG A 164 1.22 -8.08 -13.36
N LYS A 165 2.54 -7.94 -13.39
CA LYS A 165 3.44 -9.02 -13.01
C LYS A 165 4.41 -8.57 -11.92
N ARG A 166 3.88 -8.44 -10.71
CA ARG A 166 4.66 -7.97 -9.57
C ARG A 166 5.87 -8.87 -9.30
N TYR A 167 5.73 -10.16 -9.57
CA TYR A 167 6.79 -11.12 -9.31
C TYR A 167 8.03 -10.86 -10.17
N LEU A 168 7.85 -10.21 -11.32
CA LEU A 168 8.97 -9.82 -12.15
C LEU A 168 9.50 -8.45 -11.74
N ASP A 169 8.57 -7.55 -11.42
CA ASP A 169 8.92 -6.19 -11.05
C ASP A 169 9.77 -6.14 -9.78
N LEU A 170 9.49 -7.05 -8.86
CA LEU A 170 10.26 -7.14 -7.63
C LEU A 170 11.69 -7.60 -7.90
N ILE A 171 11.87 -8.33 -8.99
CA ILE A 171 13.19 -8.84 -9.37
C ILE A 171 13.99 -7.79 -10.14
N VAL A 172 13.40 -7.22 -11.17
CA VAL A 172 14.10 -6.28 -12.04
C VAL A 172 14.12 -4.85 -11.47
N ASN A 173 13.24 -4.59 -10.51
CA ASN A 173 13.23 -3.31 -9.82
C ASN A 173 13.23 -3.51 -8.31
N PRO A 174 14.34 -4.04 -7.76
CA PRO A 174 14.42 -4.45 -6.36
C PRO A 174 14.21 -3.31 -5.37
N GLU A 175 14.55 -2.09 -5.78
CA GLU A 175 14.37 -0.91 -4.94
C GLU A 175 12.93 -0.79 -4.45
N SER A 176 11.98 -1.21 -5.29
CA SER A 176 10.56 -1.17 -4.97
C SER A 176 10.24 -1.90 -3.67
N VAL A 177 11.02 -2.95 -3.37
CA VAL A 177 10.83 -3.72 -2.15
C VAL A 177 10.87 -2.81 -0.93
N LYS A 178 11.78 -1.84 -0.96
CA LYS A 178 11.97 -0.91 0.16
C LYS A 178 10.67 -0.17 0.50
N ASN A 179 9.79 -0.02 -0.47
CA ASN A 179 8.47 0.56 -0.21
C ASN A 179 7.68 -0.33 0.74
N PHE A 180 7.48 -1.58 0.34
CA PHE A 180 6.61 -2.48 1.07
C PHE A 180 7.12 -2.74 2.48
N VAL A 181 8.43 -2.94 2.61
CA VAL A 181 9.07 -3.00 3.91
C VAL A 181 8.63 -1.83 4.76
N LEU A 182 8.80 -0.62 4.23
CA LEU A 182 8.40 0.61 4.91
C LEU A 182 6.95 0.49 5.37
N ARG A 183 6.08 0.02 4.48
CA ARG A 183 4.67 -0.13 4.79
C ARG A 183 4.50 -0.98 6.05
N THR A 184 5.14 -2.15 6.07
CA THR A 184 4.97 -3.07 7.19
C THR A 184 5.52 -2.47 8.46
N LYS A 185 6.47 -1.55 8.33
CA LYS A 185 6.97 -0.85 9.51
C LYS A 185 5.86 0.04 10.05
N VAL A 186 5.29 0.85 9.14
CA VAL A 186 4.23 1.78 9.50
C VAL A 186 3.15 1.09 10.31
N VAL A 187 2.54 0.07 9.71
CA VAL A 187 1.56 -0.76 10.39
C VAL A 187 2.04 -1.16 11.78
N LYS A 188 3.21 -1.79 11.84
CA LYS A 188 3.74 -2.26 13.12
C LYS A 188 3.79 -1.12 14.11
N ALA A 189 4.34 0.02 13.66
CA ALA A 189 4.44 1.20 14.51
C ALA A 189 3.09 1.49 15.13
N VAL A 190 2.08 1.61 14.26
CA VAL A 190 0.72 1.89 14.70
C VAL A 190 0.33 0.93 15.80
N ARG A 191 0.48 -0.37 15.53
CA ARG A 191 0.09 -1.39 16.49
C ARG A 191 0.75 -1.10 17.83
N LYS A 192 2.06 -0.90 17.80
CA LYS A 192 2.82 -0.67 19.02
C LYS A 192 2.21 0.50 19.77
N TYR A 193 2.00 1.61 19.06
CA TYR A 193 1.53 2.84 19.68
C TYR A 193 0.21 2.62 20.41
N LEU A 194 -0.59 1.70 19.91
CA LEU A 194 -1.89 1.44 20.53
C LEU A 194 -1.76 0.34 21.58
N ASP A 195 -0.90 -0.63 21.30
CA ASP A 195 -0.75 -1.77 22.21
C ASP A 195 -0.19 -1.32 23.55
N ASP A 196 0.67 -0.30 23.51
CA ASP A 196 1.27 0.24 24.72
C ASP A 196 0.30 1.12 25.50
N LYS A 197 -0.87 1.38 24.91
CA LYS A 197 -1.87 2.21 25.59
C LYS A 197 -3.08 1.38 26.02
N GLY A 198 -2.93 0.07 26.01
CA GLY A 198 -3.97 -0.83 26.52
C GLY A 198 -5.06 -1.16 25.52
N PHE A 199 -4.84 -0.81 24.25
CA PHE A 199 -5.80 -1.12 23.20
C PHE A 199 -5.84 -2.60 22.88
N LEU A 200 -7.03 -3.10 22.57
CA LEU A 200 -7.20 -4.50 22.21
C LEU A 200 -7.42 -4.66 20.71
N GLU A 201 -6.46 -5.30 20.04
CA GLU A 201 -6.57 -5.53 18.60
C GLU A 201 -7.62 -6.58 18.30
N VAL A 202 -8.71 -6.16 17.65
CA VAL A 202 -9.83 -7.07 17.41
C VAL A 202 -10.12 -7.30 15.93
N GLU A 203 -11.04 -8.22 15.66
CA GLU A 203 -11.47 -8.50 14.29
C GLU A 203 -12.99 -8.49 14.20
N THR A 204 -13.52 -7.58 13.38
CA THR A 204 -14.95 -7.45 13.17
C THR A 204 -15.32 -7.99 11.78
N PRO A 205 -16.58 -8.42 11.60
CA PRO A 205 -16.96 -9.08 10.34
C PRO A 205 -16.78 -8.21 9.10
N ILE A 206 -16.36 -8.85 8.02
CA ILE A 206 -16.21 -8.19 6.72
C ILE A 206 -17.52 -8.33 5.94
N LEU A 207 -18.21 -9.43 6.16
CA LEU A 207 -19.53 -9.65 5.56
C LEU A 207 -20.63 -9.07 6.45
N ASN A 208 -21.42 -8.16 5.87
CA ASN A 208 -22.48 -7.49 6.62
C ASN A 208 -23.86 -7.80 6.05
N THR A 209 -24.86 -7.06 6.53
CA THR A 209 -26.20 -7.10 5.98
C THR A 209 -26.69 -5.67 5.78
N ILE A 210 -26.06 -4.74 6.48
CA ILE A 210 -26.31 -3.31 6.31
C ILE A 210 -24.98 -2.56 6.33
N PRO A 211 -24.58 -2.00 5.17
CA PRO A 211 -23.33 -1.26 5.06
C PRO A 211 -23.38 0.10 5.74
N GLY A 212 -22.50 0.31 6.73
CA GLY A 212 -22.46 1.56 7.46
C GLY A 212 -21.06 1.89 7.94
N GLY A 213 -20.92 3.03 8.61
CA GLY A 213 -19.64 3.47 9.12
C GLY A 213 -19.05 4.62 8.33
N ALA A 214 -19.43 4.71 7.06
CA ALA A 214 -18.95 5.77 6.19
C ALA A 214 -19.90 5.97 5.00
N THR A 215 -19.46 6.76 4.03
CA THR A 215 -20.29 7.08 2.87
C THR A 215 -19.68 6.53 1.57
N ALA A 216 -20.23 5.43 1.09
CA ALA A 216 -19.76 4.80 -0.15
C ALA A 216 -20.79 3.82 -0.71
N ARG A 217 -20.36 3.03 -1.70
CA ARG A 217 -21.20 1.98 -2.28
C ARG A 217 -20.54 0.62 -2.13
N PRO A 218 -21.30 -0.39 -1.66
CA PRO A 218 -20.77 -1.70 -1.29
C PRO A 218 -20.66 -2.72 -2.42
N PHE A 219 -19.81 -3.72 -2.22
CA PHE A 219 -19.80 -4.92 -3.06
C PHE A 219 -20.88 -5.86 -2.55
N ILE A 220 -21.63 -6.46 -3.47
CA ILE A 220 -22.72 -7.35 -3.09
C ILE A 220 -22.39 -8.81 -3.34
N THR A 221 -22.59 -9.65 -2.32
CA THR A 221 -22.40 -11.09 -2.46
C THR A 221 -23.62 -11.83 -1.92
N HIS A 222 -23.55 -13.15 -1.91
CA HIS A 222 -24.69 -13.97 -1.51
C HIS A 222 -24.26 -15.26 -0.82
N HIS A 223 -24.84 -15.51 0.36
CA HIS A 223 -24.59 -16.76 1.08
C HIS A 223 -25.62 -17.81 0.68
N ASN A 224 -25.12 -18.98 0.34
CA ASN A 224 -25.92 -20.08 -0.19
C ASN A 224 -26.80 -20.76 0.85
N GLN A 225 -26.18 -21.26 1.92
CA GLN A 225 -26.89 -22.01 2.95
C GLN A 225 -27.98 -21.16 3.61
N LEU A 226 -27.65 -19.90 3.89
CA LEU A 226 -28.60 -18.99 4.52
C LEU A 226 -29.53 -18.38 3.48
N ASP A 227 -29.18 -18.54 2.21
CA ASP A 227 -29.94 -17.97 1.09
C ASP A 227 -30.16 -16.48 1.32
N ILE A 228 -29.08 -15.71 1.43
CA ILE A 228 -29.25 -14.30 1.76
C ILE A 228 -28.14 -13.40 1.20
N GLN A 229 -28.52 -12.23 0.75
CA GLN A 229 -27.55 -11.25 0.26
C GLN A 229 -26.75 -10.64 1.40
N MET A 230 -25.46 -10.47 1.17
CA MET A 230 -24.59 -9.84 2.15
C MET A 230 -23.71 -8.80 1.50
N TYR A 231 -23.12 -7.92 2.31
CA TYR A 231 -22.33 -6.81 1.80
C TYR A 231 -20.96 -6.77 2.45
N MET A 232 -19.93 -6.57 1.63
CA MET A 232 -18.57 -6.39 2.12
C MET A 232 -18.48 -5.03 2.82
N ARG A 233 -17.81 -5.00 3.97
CA ARG A 233 -17.86 -3.83 4.85
C ARG A 233 -17.28 -2.57 4.22
N ILE A 234 -17.92 -1.44 4.52
CA ILE A 234 -17.45 -0.14 4.10
C ILE A 234 -16.54 0.42 5.19
N ALA A 235 -16.88 0.11 6.44
CA ALA A 235 -16.10 0.51 7.60
C ALA A 235 -16.48 -0.34 8.81
N PRO A 236 -15.52 -0.61 9.69
CA PRO A 236 -15.77 -1.42 10.90
C PRO A 236 -16.28 -0.60 12.08
N GLU A 237 -16.63 0.66 11.83
CA GLU A 237 -17.02 1.62 12.85
C GLU A 237 -18.07 1.11 13.85
N LEU A 238 -19.21 0.69 13.32
CA LEU A 238 -20.35 0.32 14.16
C LEU A 238 -20.04 -0.84 15.12
N TYR A 239 -19.40 -1.88 14.60
CA TYR A 239 -19.06 -3.05 15.42
C TYR A 239 -18.09 -2.69 16.53
N LEU A 240 -17.07 -1.90 16.19
CA LEU A 240 -16.09 -1.44 17.17
C LEU A 240 -16.78 -0.64 18.28
N LYS A 241 -17.71 0.22 17.87
CA LYS A 241 -18.51 0.98 18.84
C LYS A 241 -19.30 0.05 19.74
N GLU A 242 -19.86 -1.01 19.16
CA GLU A 242 -20.60 -2.00 19.94
C GLU A 242 -19.68 -2.67 20.96
N LEU A 243 -18.42 -2.86 20.56
CA LEU A 243 -17.42 -3.40 21.49
C LEU A 243 -17.16 -2.44 22.63
N VAL A 244 -17.14 -1.14 22.32
CA VAL A 244 -16.95 -0.14 23.36
C VAL A 244 -18.13 -0.14 24.33
N VAL A 245 -19.34 -0.29 23.80
CA VAL A 245 -20.53 -0.43 24.62
C VAL A 245 -20.43 -1.66 25.51
N GLY A 246 -19.87 -2.73 24.95
CA GLY A 246 -19.73 -3.99 25.65
C GLY A 246 -18.86 -3.93 26.90
N GLY A 247 -18.01 -2.90 26.99
CA GLY A 247 -17.18 -2.72 28.17
C GLY A 247 -15.70 -2.72 27.87
N ILE A 248 -15.34 -2.87 26.60
CA ILE A 248 -13.94 -2.81 26.20
C ILE A 248 -13.61 -1.38 25.80
N ASN A 249 -13.04 -0.63 26.75
CA ASN A 249 -12.84 0.81 26.62
C ASN A 249 -12.01 1.23 25.39
N ARG A 250 -10.99 0.46 25.07
CA ARG A 250 -10.08 0.82 23.99
C ARG A 250 -9.91 -0.32 22.99
N VAL A 251 -10.40 -0.11 21.77
CA VAL A 251 -10.28 -1.13 20.73
C VAL A 251 -9.67 -0.58 19.47
N TYR A 252 -9.08 -1.45 18.66
CA TYR A 252 -8.61 -1.03 17.34
C TYR A 252 -8.55 -2.20 16.36
N GLU A 253 -8.66 -1.87 15.08
CA GLU A 253 -8.58 -2.86 14.02
C GLU A 253 -7.89 -2.28 12.79
N ILE A 254 -6.82 -2.94 12.37
CA ILE A 254 -6.15 -2.60 11.12
C ILE A 254 -6.59 -3.60 10.07
N GLY A 255 -7.58 -3.23 9.26
CA GLY A 255 -8.20 -4.17 8.36
C GLY A 255 -8.47 -3.69 6.95
N ARG A 256 -9.06 -4.57 6.16
CA ARG A 256 -9.35 -4.32 4.76
C ARG A 256 -10.78 -3.81 4.57
N LEU A 257 -10.89 -2.62 3.97
CA LEU A 257 -12.17 -2.03 3.64
C LEU A 257 -12.41 -2.14 2.13
N PHE A 258 -13.67 -2.30 1.76
CA PHE A 258 -14.04 -2.50 0.37
C PHE A 258 -15.08 -1.48 -0.10
N ARG A 259 -14.73 -0.74 -1.14
CA ARG A 259 -15.63 0.28 -1.69
C ARG A 259 -15.67 0.23 -3.21
N ASN A 260 -16.85 -0.06 -3.75
CA ASN A 260 -17.05 -0.19 -5.19
C ASN A 260 -17.10 1.17 -5.88
N GLU A 261 -15.93 1.79 -6.07
CA GLU A 261 -15.84 3.10 -6.69
C GLU A 261 -14.77 3.15 -7.78
N GLY A 262 -14.40 4.36 -8.19
CA GLY A 262 -13.42 4.55 -9.24
C GLY A 262 -11.99 4.30 -8.80
N ILE A 263 -11.15 3.89 -9.74
CA ILE A 263 -9.75 3.59 -9.45
C ILE A 263 -8.82 4.66 -10.01
N ASP A 264 -7.98 5.22 -9.15
CA ASP A 264 -6.98 6.20 -9.58
C ASP A 264 -5.70 6.09 -8.76
N GLN A 265 -4.93 7.16 -8.73
CA GLN A 265 -3.64 7.16 -8.03
C GLN A 265 -3.78 7.13 -6.51
N THR A 266 -5.01 7.32 -6.02
CA THR A 266 -5.24 7.37 -4.58
C THR A 266 -6.42 6.50 -4.14
N HIS A 267 -6.96 5.71 -5.06
CA HIS A 267 -8.12 4.88 -4.74
C HIS A 267 -8.01 3.47 -5.30
N ASN A 268 -7.94 2.50 -4.39
CA ASN A 268 -8.04 1.09 -4.74
C ASN A 268 -9.35 0.54 -4.16
N PRO A 269 -10.08 -0.28 -4.94
CA PRO A 269 -11.37 -0.83 -4.50
C PRO A 269 -11.29 -1.54 -3.15
N GLU A 270 -10.16 -2.17 -2.86
CA GLU A 270 -9.91 -2.72 -1.53
C GLU A 270 -8.65 -2.07 -0.94
N PHE A 271 -8.81 -1.43 0.21
CA PHE A 271 -7.69 -0.73 0.83
C PHE A 271 -7.59 -1.08 2.31
N THR A 272 -6.55 -0.58 2.98
CA THR A 272 -6.32 -0.94 4.37
C THR A 272 -6.36 0.28 5.28
N THR A 273 -7.19 0.23 6.32
CA THR A 273 -7.25 1.32 7.27
C THR A 273 -7.08 0.83 8.70
N CYS A 274 -6.71 1.75 9.58
CA CYS A 274 -6.69 1.47 11.01
C CYS A 274 -7.73 2.32 11.70
N GLU A 275 -8.67 1.68 12.39
CA GLU A 275 -9.66 2.40 13.17
C GLU A 275 -9.54 2.06 14.65
N PHE A 276 -9.42 3.08 15.50
CA PHE A 276 -9.50 2.81 16.94
C PHE A 276 -10.56 3.66 17.61
N TYR A 277 -11.03 3.16 18.74
CA TYR A 277 -11.99 3.86 19.58
C TYR A 277 -11.53 3.81 21.03
N MET A 278 -11.58 4.99 21.66
CA MET A 278 -11.01 5.22 22.96
C MET A 278 -12.01 5.91 23.87
N ALA A 279 -12.51 5.18 24.85
CA ALA A 279 -13.52 5.71 25.77
C ALA A 279 -12.97 6.86 26.61
N TYR A 280 -13.86 7.78 26.97
CA TYR A 280 -13.54 8.92 27.83
C TYR A 280 -12.48 9.83 27.20
N ALA A 281 -12.52 9.93 25.88
CA ALA A 281 -11.63 10.82 25.14
C ALA A 281 -12.43 11.69 24.17
N ASP A 282 -11.83 12.78 23.73
CA ASP A 282 -12.44 13.62 22.70
C ASP A 282 -11.43 13.86 21.56
N TYR A 283 -11.84 14.61 20.55
CA TYR A 283 -11.02 14.73 19.35
C TYR A 283 -9.78 15.61 19.55
N ASN A 284 -9.72 16.30 20.68
CA ASN A 284 -8.52 17.04 21.06
C ASN A 284 -7.38 16.07 21.42
N ASP A 285 -7.69 15.16 22.35
CA ASP A 285 -6.77 14.11 22.74
C ASP A 285 -6.29 13.33 21.52
N ILE A 286 -7.21 13.09 20.60
CA ILE A 286 -6.91 12.35 19.38
C ILE A 286 -6.01 13.17 18.45
N MET A 287 -6.23 14.49 18.40
CA MET A 287 -5.32 15.36 17.67
C MET A 287 -3.90 15.22 18.20
N LYS A 288 -3.77 15.30 19.52
CA LYS A 288 -2.45 15.17 20.16
C LYS A 288 -1.83 13.81 19.88
N MET A 289 -2.65 12.76 19.91
CA MET A 289 -2.18 11.41 19.64
C MET A 289 -1.70 11.27 18.20
N THR A 290 -2.39 11.92 17.27
CA THR A 290 -2.02 11.88 15.86
C THR A 290 -0.69 12.60 15.64
N GLU A 291 -0.57 13.79 16.22
CA GLU A 291 0.67 14.55 16.18
C GLU A 291 1.83 13.73 16.72
N GLU A 292 1.60 13.08 17.86
CA GLU A 292 2.63 12.28 18.51
C GLU A 292 3.04 11.09 17.65
N LEU A 293 2.05 10.35 17.16
CA LEU A 293 2.28 9.15 16.36
C LEU A 293 3.03 9.45 15.06
N LEU A 294 2.49 10.39 14.28
CA LEU A 294 3.09 10.71 13.00
C LEU A 294 4.43 11.42 13.17
N GLY A 295 4.52 12.30 14.17
CA GLY A 295 5.76 13.00 14.46
C GLY A 295 6.87 12.04 14.84
N ASN A 296 6.54 11.07 15.68
CA ASN A 296 7.47 10.03 16.06
C ASN A 296 7.87 9.19 14.85
N MET A 297 6.87 8.85 14.04
CA MET A 297 7.07 8.04 12.85
C MET A 297 8.01 8.71 11.85
N VAL A 298 7.96 10.04 11.81
CA VAL A 298 8.85 10.81 10.94
C VAL A 298 10.24 10.93 11.57
N LYS A 299 10.27 11.08 12.88
CA LYS A 299 11.53 11.20 13.62
C LYS A 299 12.33 9.89 13.66
N ASP A 300 11.68 8.78 13.39
CA ASP A 300 12.39 7.50 13.42
C ASP A 300 12.88 7.12 12.04
N ILE A 301 12.89 8.11 11.14
CA ILE A 301 13.52 7.95 9.84
C ILE A 301 14.40 9.15 9.48
N THR A 302 14.61 10.08 10.42
CA THR A 302 15.43 11.23 10.06
C THR A 302 16.64 11.59 10.99
N GLY A 303 16.51 12.04 12.25
CA GLY A 303 15.33 12.02 13.08
C GLY A 303 14.86 13.39 13.54
N GLY A 304 14.72 14.30 12.59
CA GLY A 304 14.04 15.57 12.82
C GLY A 304 12.60 15.44 12.38
N SER A 305 11.73 16.28 12.93
CA SER A 305 10.30 16.18 12.63
C SER A 305 9.93 16.91 11.35
N THR A 306 10.93 17.22 10.52
CA THR A 306 10.70 17.77 9.19
C THR A 306 11.21 16.77 8.14
N LYS A 307 10.40 16.50 7.13
CA LYS A 307 10.73 15.47 6.15
C LYS A 307 10.96 16.05 4.76
N LEU A 308 12.02 15.58 4.11
CA LEU A 308 12.39 16.06 2.78
C LEU A 308 11.62 15.30 1.69
N GLU A 309 11.17 16.04 0.68
CA GLU A 309 10.23 15.51 -0.31
C GLU A 309 10.48 16.00 -1.74
N ILE A 310 9.69 15.46 -2.68
CA ILE A 310 9.85 15.77 -4.10
C ILE A 310 8.87 16.84 -4.58
N LYS A 311 9.38 17.77 -5.40
CA LYS A 311 8.58 18.83 -6.02
C LYS A 311 7.90 19.73 -5.00
N PHE A 373 8.62 17.56 -13.00
CA PHE A 373 7.72 16.59 -13.62
C PHE A 373 7.93 15.21 -12.99
N VAL A 374 9.00 14.53 -13.40
CA VAL A 374 9.42 13.30 -12.75
C VAL A 374 10.93 13.40 -12.53
N THR A 375 11.32 14.24 -11.58
CA THR A 375 12.73 14.47 -11.26
C THR A 375 12.96 14.50 -9.75
N GLU A 376 14.01 15.19 -9.34
CA GLU A 376 14.33 15.33 -7.93
C GLU A 376 14.43 16.80 -7.51
N LYS A 377 13.29 17.43 -7.30
CA LYS A 377 13.21 18.80 -6.79
C LYS A 377 12.66 18.77 -5.37
N LYS A 378 13.29 19.50 -4.46
CA LYS A 378 13.07 19.27 -3.04
C LYS A 378 12.08 20.23 -2.37
N MET A 379 11.32 19.70 -1.41
CA MET A 379 10.46 20.50 -0.55
C MET A 379 10.44 19.88 0.85
N VAL A 380 9.71 20.49 1.77
CA VAL A 380 9.72 20.02 3.17
C VAL A 380 8.32 19.93 3.79
N LEU A 381 8.03 18.77 4.38
CA LEU A 381 6.81 18.60 5.17
C LEU A 381 7.09 18.79 6.66
N ASP A 382 6.36 19.71 7.28
CA ASP A 382 6.60 20.10 8.67
C ASP A 382 5.70 19.32 9.63
N PHE A 383 6.21 18.22 10.17
CA PHE A 383 5.43 17.38 11.08
C PHE A 383 5.60 17.77 12.55
N THR A 384 6.12 18.96 12.80
CA THR A 384 6.34 19.42 14.17
C THR A 384 5.03 19.76 14.86
N ALA A 385 4.83 19.22 16.06
CA ALA A 385 3.66 19.55 16.86
C ALA A 385 3.79 20.98 17.37
N PRO A 386 2.68 21.73 17.37
CA PRO A 386 1.36 21.30 16.91
C PRO A 386 1.15 21.50 15.42
N PHE A 387 0.26 20.70 14.82
CA PHE A 387 -0.12 20.89 13.43
C PHE A 387 -0.97 22.15 13.30
N LYS A 388 -1.06 22.69 12.10
CA LYS A 388 -1.87 23.87 11.86
C LYS A 388 -3.35 23.48 11.87
N ARG A 389 -4.16 24.30 12.53
CA ARG A 389 -5.59 24.01 12.68
C ARG A 389 -6.46 25.08 12.04
N ILE A 390 -7.35 24.67 11.14
CA ILE A 390 -8.31 25.59 10.55
C ILE A 390 -9.73 25.03 10.65
N SER A 391 -10.72 25.91 10.60
CA SER A 391 -12.12 25.50 10.67
C SER A 391 -12.73 25.36 9.28
N TYR A 392 -13.61 24.39 9.13
CA TYR A 392 -14.20 24.06 7.83
C TYR A 392 -15.01 25.22 7.25
N VAL A 393 -15.78 25.89 8.11
CA VAL A 393 -16.66 26.97 7.63
C VAL A 393 -15.98 28.33 7.69
N HIS A 394 -15.01 28.49 8.58
CA HIS A 394 -14.35 29.79 8.76
C HIS A 394 -13.39 30.10 7.61
N ALA A 395 -12.60 29.10 7.20
CA ALA A 395 -11.70 29.27 6.08
C ALA A 395 -12.48 29.41 4.78
N LEU A 396 -13.58 28.67 4.68
CA LEU A 396 -14.46 28.73 3.53
C LEU A 396 -15.13 30.11 3.45
N GLU A 397 -15.38 30.69 4.62
CA GLU A 397 -15.96 32.03 4.70
C GLU A 397 -14.94 33.10 4.31
N GLU A 398 -13.71 32.94 4.80
CA GLU A 398 -12.66 33.93 4.61
C GLU A 398 -12.38 34.21 3.13
N LYS A 399 -12.32 33.15 2.34
CA LYS A 399 -12.00 33.30 0.92
C LYS A 399 -13.24 33.64 0.09
N PHE A 400 -14.42 33.45 0.70
CA PHE A 400 -15.68 33.72 0.01
C PHE A 400 -16.05 35.19 -0.03
N GLY A 401 -15.77 35.89 1.07
CA GLY A 401 -16.18 37.28 1.20
C GLY A 401 -17.47 37.37 2.00
N GLU A 402 -18.48 36.63 1.56
CA GLU A 402 -19.74 36.53 2.30
C GLU A 402 -19.63 35.43 3.35
N LYS A 403 -20.31 35.62 4.46
CA LYS A 403 -20.32 34.62 5.53
C LYS A 403 -21.70 33.99 5.64
N ILE A 404 -21.74 32.69 5.39
CA ILE A 404 -22.95 31.88 5.20
C ILE A 404 -24.18 32.25 6.02
N PRO A 405 -25.36 32.26 5.36
CA PRO A 405 -26.66 32.30 6.02
C PRO A 405 -26.74 31.32 7.19
N ARG A 406 -27.66 31.52 8.13
CA ARG A 406 -27.55 30.73 9.37
C ARG A 406 -28.19 29.33 9.35
N PRO A 407 -29.30 29.13 8.61
CA PRO A 407 -29.67 27.71 8.56
C PRO A 407 -28.97 26.98 7.40
N LEU A 408 -27.92 26.23 7.74
CA LEU A 408 -27.13 25.53 6.73
C LEU A 408 -27.90 24.37 6.10
N ASP A 409 -28.99 23.97 6.75
CA ASP A 409 -29.82 22.89 6.23
C ASP A 409 -30.93 23.45 5.34
N GLY A 410 -31.25 24.72 5.52
CA GLY A 410 -32.35 25.36 4.80
C GLY A 410 -32.12 25.53 3.31
N PRO A 411 -33.14 26.01 2.60
CA PRO A 411 -33.12 26.22 1.14
C PRO A 411 -32.32 27.44 0.72
N GLU A 412 -32.43 28.52 1.50
CA GLU A 412 -31.72 29.77 1.23
C GLU A 412 -30.23 29.53 1.05
N ALA A 413 -29.62 28.90 2.05
CA ALA A 413 -28.19 28.62 2.02
C ALA A 413 -27.84 27.66 0.90
N LEU A 414 -28.76 26.75 0.58
CA LEU A 414 -28.56 25.82 -0.53
C LEU A 414 -28.40 26.58 -1.85
N THR A 415 -29.31 27.52 -2.10
CA THR A 415 -29.22 28.37 -3.29
C THR A 415 -27.94 29.24 -3.26
N PHE A 416 -27.56 29.67 -2.07
CA PHE A 416 -26.37 30.50 -1.92
C PHE A 416 -25.10 29.75 -2.28
N LEU A 417 -25.01 28.50 -1.83
CA LEU A 417 -23.88 27.65 -2.16
C LEU A 417 -23.90 27.34 -3.64
N LYS A 418 -25.10 27.14 -4.17
CA LYS A 418 -25.29 26.89 -5.60
C LYS A 418 -24.79 28.02 -6.49
N LYS A 419 -24.78 29.25 -5.96
CA LYS A 419 -24.35 30.40 -6.76
C LYS A 419 -22.95 30.97 -6.42
N GLN A 420 -22.42 30.70 -5.21
CA GLN A 420 -20.98 30.87 -4.99
C GLN A 420 -20.23 29.75 -5.70
N ALA A 421 -20.96 28.69 -6.07
CA ALA A 421 -20.38 27.59 -6.84
C ALA A 421 -20.03 28.00 -8.26
N ILE A 422 -20.99 28.58 -8.97
CA ILE A 422 -20.75 29.04 -10.35
C ILE A 422 -19.81 30.24 -10.35
N ARG A 423 -19.81 30.98 -9.25
CA ARG A 423 -18.94 32.12 -9.08
C ARG A 423 -17.48 31.68 -8.97
N PHE A 424 -17.28 30.42 -8.60
CA PHE A 424 -15.93 29.85 -8.52
C PHE A 424 -15.79 28.63 -9.41
N ASN A 425 -16.79 28.41 -10.27
CA ASN A 425 -16.80 27.30 -11.22
C ASN A 425 -16.64 25.94 -10.55
N ALA A 426 -17.42 25.72 -9.49
CA ALA A 426 -17.38 24.45 -8.76
C ALA A 426 -18.78 23.84 -8.67
N ILE A 427 -19.16 23.09 -9.70
CA ILE A 427 -20.51 22.55 -9.81
C ILE A 427 -20.55 21.05 -9.49
N CYS A 428 -21.65 20.60 -8.91
CA CYS A 428 -21.78 19.23 -8.43
C CYS A 428 -22.63 18.35 -9.35
N ALA A 429 -22.27 17.06 -9.41
CA ALA A 429 -23.04 16.07 -10.16
C ALA A 429 -24.28 15.69 -9.37
N GLU A 430 -25.34 15.30 -10.06
CA GLU A 430 -26.63 15.08 -9.41
C GLU A 430 -26.62 13.82 -8.56
N PRO A 431 -27.26 13.87 -7.38
CA PRO A 431 -27.99 15.03 -6.86
C PRO A 431 -27.08 16.10 -6.25
N GLN A 432 -27.51 17.37 -6.33
CA GLN A 432 -26.75 18.46 -5.74
C GLN A 432 -27.30 18.87 -4.37
N THR A 433 -27.17 17.96 -3.40
CA THR A 433 -27.58 18.24 -2.04
C THR A 433 -26.62 19.22 -1.37
N THR A 434 -27.00 19.74 -0.22
CA THR A 434 -26.18 20.70 0.51
C THR A 434 -24.79 20.14 0.80
N ALA A 435 -24.75 18.91 1.30
CA ALA A 435 -23.49 18.25 1.66
C ALA A 435 -22.57 18.09 0.46
N ARG A 436 -23.12 17.66 -0.67
CA ARG A 436 -22.32 17.44 -1.87
C ARG A 436 -21.82 18.75 -2.47
N VAL A 437 -22.68 19.78 -2.48
CA VAL A 437 -22.29 21.09 -2.98
C VAL A 437 -21.17 21.67 -2.12
N MET A 438 -21.33 21.56 -0.80
CA MET A 438 -20.30 22.01 0.12
C MET A 438 -19.00 21.21 -0.05
N ASP A 439 -19.15 19.94 -0.41
CA ASP A 439 -17.99 19.07 -0.59
C ASP A 439 -17.20 19.44 -1.84
N LYS A 440 -17.91 19.72 -2.92
CA LYS A 440 -17.27 20.14 -4.17
C LYS A 440 -16.68 21.54 -4.00
N LEU A 441 -17.33 22.35 -3.19
CA LEU A 441 -16.82 23.68 -2.87
C LEU A 441 -15.50 23.58 -2.12
N PHE A 442 -15.53 22.94 -0.95
CA PHE A 442 -14.32 22.78 -0.14
C PHE A 442 -13.21 22.07 -0.91
N GLY A 443 -13.60 21.14 -1.77
CA GLY A 443 -12.64 20.38 -2.56
C GLY A 443 -11.88 21.18 -3.59
N ASP A 444 -12.61 21.95 -4.39
CA ASP A 444 -12.02 22.68 -5.51
C ASP A 444 -11.45 24.03 -5.12
N LEU A 445 -11.54 24.40 -3.84
CA LEU A 445 -11.21 25.76 -3.46
C LEU A 445 -10.12 25.89 -2.38
N ILE A 446 -10.18 25.07 -1.33
CA ILE A 446 -9.24 25.22 -0.21
C ILE A 446 -8.33 24.00 -0.04
N GLU A 447 -8.85 22.81 -0.33
CA GLU A 447 -8.04 21.58 -0.23
C GLU A 447 -6.82 21.61 -1.14
N VAL A 448 -6.89 22.44 -2.19
CA VAL A 448 -5.81 22.55 -3.15
C VAL A 448 -4.59 23.27 -2.57
N ASP A 449 -4.75 23.88 -1.39
CA ASP A 449 -3.67 24.62 -0.77
C ASP A 449 -3.23 24.01 0.57
N LEU A 450 -3.83 22.88 0.92
CA LEU A 450 -3.49 22.20 2.16
C LEU A 450 -2.34 21.22 1.94
N VAL A 451 -1.12 21.76 1.92
CA VAL A 451 0.07 20.96 1.66
C VAL A 451 0.69 20.42 2.95
N GLN A 452 1.05 21.32 3.84
CA GLN A 452 1.59 20.95 5.15
C GLN A 452 0.50 20.26 5.98
N PRO A 453 0.91 19.38 6.92
CA PRO A 453 -0.04 18.67 7.79
C PRO A 453 -1.04 19.62 8.46
N THR A 454 -2.31 19.50 8.10
CA THR A 454 -3.32 20.43 8.56
C THR A 454 -4.56 19.73 9.11
N PHE A 455 -5.02 20.17 10.27
CA PHE A 455 -6.26 19.67 10.84
C PHE A 455 -7.45 20.52 10.41
N VAL A 456 -8.30 19.97 9.56
CA VAL A 456 -9.52 20.65 9.15
C VAL A 456 -10.67 20.25 10.06
N CYS A 457 -11.06 21.16 10.95
CA CYS A 457 -11.95 20.78 12.05
C CYS A 457 -13.34 21.39 11.98
N ASP A 458 -14.25 20.84 12.78
CA ASP A 458 -15.59 21.36 12.98
C ASP A 458 -16.42 21.44 11.69
N GLN A 459 -16.63 20.29 11.06
CA GLN A 459 -17.55 20.19 9.93
C GLN A 459 -18.99 20.23 10.43
N PRO A 460 -19.92 20.67 9.56
CA PRO A 460 -21.34 20.66 9.92
C PRO A 460 -21.91 19.25 10.04
N GLN A 461 -23.10 19.11 10.62
CA GLN A 461 -23.67 17.80 10.90
C GLN A 461 -24.21 17.10 9.66
N LEU A 462 -24.65 17.88 8.68
CA LEU A 462 -25.23 17.33 7.47
C LEU A 462 -24.20 16.58 6.62
N MET A 463 -22.95 16.58 7.09
CA MET A 463 -21.89 15.78 6.50
C MET A 463 -21.37 14.77 7.51
N SER A 464 -21.76 14.92 8.76
CA SER A 464 -21.24 14.08 9.85
C SER A 464 -22.37 13.50 10.70
N PRO A 465 -22.95 12.37 10.26
CA PRO A 465 -24.05 11.73 10.98
C PRO A 465 -23.61 10.96 12.23
N LEU A 466 -22.34 10.57 12.27
CA LEU A 466 -21.84 9.77 13.40
C LEU A 466 -20.93 10.58 14.32
N ALA A 467 -20.90 11.90 14.12
CA ALA A 467 -20.08 12.77 14.94
C ALA A 467 -20.95 13.58 15.92
N LYS A 468 -20.48 13.69 17.16
CA LYS A 468 -21.24 14.37 18.21
C LYS A 468 -21.34 15.87 17.97
N TYR A 469 -22.43 16.47 18.46
CA TYR A 469 -22.66 17.90 18.40
C TYR A 469 -21.49 18.69 19.00
N HIS A 470 -21.20 19.85 18.42
CA HIS A 470 -20.14 20.71 18.95
C HIS A 470 -20.62 21.40 20.22
N ARG A 471 -19.76 21.50 21.21
CA ARG A 471 -20.15 21.95 22.54
C ARG A 471 -20.25 23.47 22.67
N SER A 472 -19.91 24.19 21.60
CA SER A 472 -19.93 25.65 21.65
C SER A 472 -20.48 26.27 20.37
N GLU A 473 -20.28 25.59 19.25
CA GLU A 473 -20.67 26.13 17.95
C GLU A 473 -21.90 25.43 17.38
N PRO A 474 -22.98 26.20 17.17
CA PRO A 474 -24.22 25.67 16.58
C PRO A 474 -24.02 25.19 15.14
N GLU A 475 -24.73 24.12 14.77
CA GLU A 475 -24.67 23.56 13.42
C GLU A 475 -23.27 23.11 13.01
N LEU A 476 -22.49 22.67 14.00
CA LEU A 476 -21.17 22.12 13.75
C LEU A 476 -20.95 20.88 14.60
N THR A 477 -19.98 20.05 14.23
CA THR A 477 -19.69 18.82 14.97
C THR A 477 -18.24 18.79 15.43
N GLU A 478 -17.97 17.99 16.46
CA GLU A 478 -16.61 17.83 16.97
C GLU A 478 -15.88 16.76 16.16
N ARG A 479 -15.20 17.21 15.11
CA ARG A 479 -14.59 16.32 14.12
C ARG A 479 -13.43 17.02 13.42
N PHE A 480 -12.42 16.25 13.02
CA PHE A 480 -11.37 16.79 12.16
C PHE A 480 -10.93 15.81 11.09
N GLU A 481 -10.48 16.35 9.97
CA GLU A 481 -9.83 15.56 8.93
C GLU A 481 -8.39 16.04 8.75
N LEU A 482 -7.45 15.10 8.79
CA LEU A 482 -6.05 15.43 8.61
C LEU A 482 -5.66 15.45 7.13
N PHE A 483 -5.27 16.61 6.65
CA PHE A 483 -4.85 16.77 5.26
C PHE A 483 -3.33 16.89 5.16
N ILE A 484 -2.74 16.05 4.30
CA ILE A 484 -1.33 16.17 3.96
C ILE A 484 -1.19 16.03 2.44
N LEU A 485 -0.42 16.95 1.84
CA LEU A 485 -0.23 16.98 0.39
C LEU A 485 -1.55 16.90 -0.37
N LYS A 486 -2.48 17.77 0.01
CA LYS A 486 -3.79 17.86 -0.63
C LYS A 486 -4.59 16.55 -0.53
N ARG A 487 -4.28 15.71 0.44
CA ARG A 487 -4.96 14.43 0.57
C ARG A 487 -5.43 14.14 1.99
N GLU A 488 -6.63 13.59 2.10
CA GLU A 488 -7.15 13.17 3.40
C GLU A 488 -6.48 11.87 3.85
N ILE A 489 -5.80 11.94 4.98
CA ILE A 489 -5.04 10.81 5.51
C ILE A 489 -5.75 10.18 6.71
N ALA A 490 -6.34 11.03 7.54
CA ALA A 490 -7.02 10.59 8.75
C ALA A 490 -8.33 11.35 8.97
N ASN A 491 -9.27 10.68 9.61
CA ASN A 491 -10.57 11.24 9.95
C ASN A 491 -10.96 10.81 11.36
N ALA A 492 -11.33 11.77 12.21
CA ALA A 492 -11.59 11.45 13.61
C ALA A 492 -12.77 12.24 14.19
N TYR A 493 -13.52 11.59 15.07
CA TYR A 493 -14.66 12.24 15.72
C TYR A 493 -14.56 12.23 17.24
N THR A 494 -15.30 13.14 17.87
CA THR A 494 -15.82 12.90 19.20
C THR A 494 -17.13 12.17 18.96
N GLU A 495 -17.18 10.89 19.34
CA GLU A 495 -18.27 10.03 18.92
C GLU A 495 -19.64 10.45 19.46
N LEU A 496 -20.63 10.41 18.58
CA LEU A 496 -22.02 10.64 18.96
C LEU A 496 -22.53 9.48 19.81
N ASN A 497 -22.93 9.78 21.04
CA ASN A 497 -23.43 8.76 21.94
C ASN A 497 -24.85 9.07 22.39
N ASN A 498 -25.51 9.95 21.65
CA ASN A 498 -26.90 10.29 21.89
C ASN A 498 -27.79 9.52 20.91
N PRO A 499 -28.40 8.43 21.39
CA PRO A 499 -29.18 7.50 20.55
C PRO A 499 -30.35 8.17 19.83
N ILE A 500 -31.00 9.12 20.49
CA ILE A 500 -32.11 9.86 19.88
C ILE A 500 -31.62 10.63 18.66
N VAL A 501 -30.60 11.46 18.86
CA VAL A 501 -30.01 12.25 17.80
C VAL A 501 -29.42 11.36 16.71
N GLN A 502 -28.90 10.21 17.11
CA GLN A 502 -28.37 9.24 16.16
C GLN A 502 -29.47 8.73 15.22
N ARG A 503 -30.60 8.36 15.82
CA ARG A 503 -31.74 7.88 15.05
C ARG A 503 -32.28 8.96 14.11
N SER A 504 -32.40 10.18 14.61
CA SER A 504 -32.86 11.30 13.80
C SER A 504 -31.87 11.63 12.68
N ASN A 505 -30.60 11.32 12.93
CA ASN A 505 -29.56 11.53 11.92
C ASN A 505 -29.67 10.49 10.81
N PHE A 506 -30.02 9.26 11.19
CA PHE A 506 -30.27 8.22 10.20
C PHE A 506 -31.52 8.57 9.38
N GLU A 507 -32.51 9.16 10.03
CA GLU A 507 -33.63 9.79 9.32
C GLU A 507 -33.08 10.73 8.25
N GLN A 508 -32.23 11.64 8.73
CA GLN A 508 -31.66 12.71 7.92
C GLN A 508 -30.76 12.18 6.80
N GLN A 509 -30.37 10.91 6.87
CA GLN A 509 -29.63 10.28 5.78
C GLN A 509 -30.61 9.65 4.79
N ALA A 510 -31.68 9.08 5.32
CA ALA A 510 -32.74 8.53 4.50
C ALA A 510 -33.30 9.59 3.57
N LYS A 511 -33.41 10.82 4.05
CA LYS A 511 -33.85 11.93 3.20
C LYS A 511 -32.94 12.05 1.97
N ASP A 512 -31.64 11.89 2.19
CA ASP A 512 -30.68 12.08 1.13
C ASP A 512 -30.70 10.94 0.15
N LYS A 513 -30.95 9.74 0.65
CA LYS A 513 -30.86 8.62 -0.29
C LYS A 513 -32.22 8.49 -0.98
N ALA A 514 -33.21 9.22 -0.49
CA ALA A 514 -34.42 9.48 -1.26
C ALA A 514 -34.12 10.53 -2.32
N ALA A 515 -33.22 11.45 -2.00
CA ALA A 515 -32.89 12.54 -2.91
C ALA A 515 -32.07 12.11 -4.15
N GLY A 516 -31.70 10.83 -4.23
CA GLY A 516 -30.96 10.34 -5.38
C GLY A 516 -29.58 9.80 -5.02
N ASP A 517 -29.01 10.42 -3.99
CA ASP A 517 -27.79 9.95 -3.33
C ASP A 517 -27.93 8.48 -2.93
N ASP A 518 -27.07 7.60 -3.42
CA ASP A 518 -27.11 6.22 -2.92
C ASP A 518 -25.83 5.95 -2.13
N GLU A 519 -25.22 7.02 -1.63
CA GLU A 519 -23.99 6.90 -0.85
C GLU A 519 -24.23 7.33 0.61
N ALA A 520 -25.49 7.42 1.01
CA ALA A 520 -25.85 7.78 2.38
C ALA A 520 -25.94 6.55 3.27
N GLN A 521 -25.89 6.77 4.58
CA GLN A 521 -25.85 5.66 5.54
C GLN A 521 -27.25 5.22 5.97
N LEU A 522 -27.47 3.91 5.91
CA LEU A 522 -28.76 3.33 6.27
C LEU A 522 -28.85 3.12 7.77
N VAL A 523 -30.07 3.13 8.31
CA VAL A 523 -30.27 2.97 9.75
C VAL A 523 -30.01 1.53 10.21
N ASP A 524 -29.04 1.37 11.10
CA ASP A 524 -28.73 0.06 11.68
C ASP A 524 -29.41 -0.08 13.04
N GLU A 525 -30.44 -0.92 13.10
CA GLU A 525 -31.23 -1.07 14.30
C GLU A 525 -30.48 -1.73 15.45
N VAL A 526 -29.66 -2.73 15.13
CA VAL A 526 -28.85 -3.41 16.13
C VAL A 526 -27.91 -2.42 16.82
N PHE A 527 -27.23 -1.63 16.01
CA PHE A 527 -26.32 -0.60 16.51
C PHE A 527 -27.07 0.41 17.39
N LEU A 528 -28.25 0.81 16.94
CA LEU A 528 -29.09 1.73 17.70
C LEU A 528 -29.46 1.15 19.06
N ASP A 529 -29.77 -0.14 19.09
CA ASP A 529 -30.06 -0.83 20.34
C ASP A 529 -28.85 -0.78 21.26
N ALA A 530 -27.70 -1.13 20.69
CA ALA A 530 -26.45 -1.14 21.43
C ALA A 530 -26.15 0.21 22.09
N ILE A 531 -26.26 1.29 21.34
CA ILE A 531 -25.97 2.61 21.88
C ILE A 531 -27.12 3.12 22.76
N GLU A 532 -28.30 2.52 22.61
CA GLU A 532 -29.42 2.81 23.49
C GLU A 532 -29.19 2.17 24.85
N HIS A 533 -28.32 1.15 24.88
CA HIS A 533 -27.90 0.55 26.14
C HIS A 533 -26.71 1.29 26.76
N ALA A 534 -26.69 2.61 26.59
CA ALA A 534 -25.64 3.50 27.10
C ALA A 534 -24.28 3.27 26.44
N PHE A 535 -23.79 4.30 25.77
CA PHE A 535 -22.51 4.26 25.07
C PHE A 535 -21.62 5.38 25.59
N PRO A 536 -20.50 5.03 26.25
CA PRO A 536 -19.61 5.99 26.90
C PRO A 536 -19.12 7.10 25.96
N PRO A 537 -18.85 8.29 26.51
CA PRO A 537 -18.21 9.35 25.72
C PRO A 537 -16.89 8.83 25.17
N THR A 538 -16.73 8.90 23.85
CA THR A 538 -15.64 8.19 23.19
C THR A 538 -15.05 8.99 22.03
N GLY A 539 -13.74 8.87 21.85
CA GLY A 539 -13.08 9.45 20.69
C GLY A 539 -12.79 8.37 19.67
N GLY A 540 -13.01 8.67 18.39
CA GLY A 540 -12.79 7.70 17.33
C GLY A 540 -11.84 8.20 16.27
N TRP A 541 -11.08 7.28 15.68
CA TRP A 541 -10.00 7.62 14.76
C TRP A 541 -9.90 6.61 13.62
N GLY A 542 -9.68 7.11 12.40
CA GLY A 542 -9.52 6.25 11.24
C GLY A 542 -8.47 6.77 10.27
N LEU A 543 -7.44 5.96 10.01
CA LEU A 543 -6.35 6.39 9.14
C LEU A 543 -6.16 5.45 7.96
N GLY A 544 -5.86 6.03 6.80
CA GLY A 544 -5.55 5.24 5.61
C GLY A 544 -4.10 4.81 5.59
N ILE A 545 -3.86 3.52 5.82
CA ILE A 545 -2.51 2.96 5.84
C ILE A 545 -1.80 3.14 4.50
N ASP A 546 -2.52 2.85 3.41
CA ASP A 546 -1.96 2.95 2.06
C ASP A 546 -1.44 4.35 1.76
N ARG A 547 -2.21 5.36 2.15
CA ARG A 547 -1.87 6.75 1.85
C ARG A 547 -0.73 7.27 2.72
N LEU A 548 -0.72 6.88 3.98
CA LEU A 548 0.39 7.22 4.87
C LEU A 548 1.67 6.60 4.33
N ALA A 549 1.55 5.37 3.85
CA ALA A 549 2.66 4.67 3.22
C ALA A 549 3.13 5.44 1.98
N MET A 550 2.18 5.93 1.19
CA MET A 550 2.50 6.77 0.04
C MET A 550 3.33 7.97 0.46
N LEU A 551 2.90 8.65 1.51
CA LEU A 551 3.60 9.81 2.02
C LEU A 551 5.02 9.49 2.44
N LEU A 552 5.18 8.47 3.28
CA LEU A 552 6.49 8.16 3.84
C LEU A 552 7.45 7.53 2.82
N ALA A 553 6.89 6.95 1.76
CA ALA A 553 7.72 6.31 0.74
C ALA A 553 7.98 7.25 -0.44
N ASP A 554 7.40 8.45 -0.37
CA ASP A 554 7.56 9.47 -1.41
C ASP A 554 7.12 8.95 -2.78
N VAL A 555 5.84 8.60 -2.89
CA VAL A 555 5.26 8.17 -4.15
C VAL A 555 3.89 8.83 -4.33
N ASP A 556 3.52 9.11 -5.58
CA ASP A 556 2.24 9.74 -5.85
C ASP A 556 1.27 8.79 -6.55
N ASN A 557 1.53 7.50 -6.42
CA ASN A 557 0.66 6.47 -6.95
C ASN A 557 0.46 5.34 -5.95
N ILE A 558 -0.79 5.07 -5.59
CA ILE A 558 -1.11 4.11 -4.54
C ILE A 558 -0.72 2.68 -4.91
N LYS A 559 -0.49 2.44 -6.19
CA LYS A 559 -0.10 1.11 -6.67
C LYS A 559 1.34 0.80 -6.30
N GLU A 560 2.08 1.82 -5.87
CA GLU A 560 3.48 1.65 -5.47
C GLU A 560 3.60 1.06 -4.07
N VAL A 561 2.51 1.08 -3.31
CA VAL A 561 2.51 0.57 -1.95
C VAL A 561 1.50 -0.55 -1.75
N ILE A 562 0.89 -1.00 -2.85
CA ILE A 562 0.01 -2.16 -2.83
C ILE A 562 0.60 -3.25 -3.70
N LEU A 563 0.89 -4.41 -3.11
CA LEU A 563 1.57 -5.50 -3.80
C LEU A 563 0.85 -5.95 -5.07
N PHE A 564 -0.44 -6.21 -4.96
CA PHE A 564 -1.23 -6.64 -6.11
C PHE A 564 -2.48 -5.77 -6.27
N PRO A 565 -2.30 -4.56 -6.83
CA PRO A 565 -3.42 -3.63 -7.03
C PRO A 565 -4.40 -4.16 -8.07
N THR A 566 -5.64 -3.70 -8.01
CA THR A 566 -6.67 -4.17 -8.93
C THR A 566 -6.48 -3.57 -10.32
N MET A 567 -6.23 -4.44 -11.29
CA MET A 567 -6.01 -4.01 -12.67
C MET A 567 -7.13 -4.45 -13.59
N ARG A 568 -7.46 -3.61 -14.56
CA ARG A 568 -8.41 -3.98 -15.60
C ARG A 568 -7.83 -5.11 -16.43
N PRO A 569 -8.53 -6.26 -16.47
CA PRO A 569 -8.08 -7.42 -17.25
C PRO A 569 -7.73 -7.05 -18.69
N GLU A 570 -6.47 -7.20 -19.05
CA GLU A 570 -5.97 -6.74 -20.35
C GLU A 570 -6.70 -7.43 -21.51
N ASP A 571 -6.90 -6.67 -22.59
CA ASP A 571 -7.61 -7.17 -23.76
C ASP A 571 -6.85 -8.27 -24.48
N GLU A 572 -7.41 -8.72 -25.60
CA GLU A 572 -6.68 -9.60 -26.49
C GLU A 572 -5.75 -8.75 -27.35
N LEU A 573 -6.15 -7.52 -27.59
CA LEU A 573 -5.36 -6.56 -28.35
C LEU A 573 -4.14 -6.08 -27.54
N GLU A 574 -4.37 -5.77 -26.28
CA GLU A 574 -3.28 -5.35 -25.40
C GLU A 574 -2.29 -6.49 -25.18
N LYS A 575 -2.84 -7.69 -25.02
CA LYS A 575 -2.03 -8.90 -24.91
C LYS A 575 -1.14 -9.10 -26.13
N LYS A 576 -1.79 -9.24 -27.29
CA LYS A 576 -1.13 -9.39 -28.58
C LYS A 576 -0.02 -8.36 -28.76
N ALA A 577 -0.38 -7.11 -28.47
CA ALA A 577 0.55 -6.00 -28.50
C ALA A 577 1.78 -6.30 -27.66
N ARG A 578 1.58 -6.32 -26.34
CA ARG A 578 2.66 -6.55 -25.36
C ARG A 578 3.62 -7.68 -25.76
N GLU A 579 3.06 -8.84 -26.08
CA GLU A 579 3.87 -9.99 -26.48
C GLU A 579 4.71 -9.67 -27.75
N ALA A 580 4.02 -9.08 -28.72
CA ALA A 580 4.65 -8.67 -29.98
C ALA A 580 5.82 -7.71 -29.75
N LYS A 581 5.68 -6.84 -28.75
CA LYS A 581 6.78 -5.95 -28.38
C LYS A 581 7.94 -6.78 -27.83
N GLU A 582 7.59 -7.70 -26.92
CA GLU A 582 8.60 -8.55 -26.29
C GLU A 582 9.53 -9.21 -27.32
N ASP A 583 8.97 -9.87 -28.34
CA ASP A 583 9.85 -10.47 -29.37
C ASP A 583 10.28 -9.45 -30.42
N ALA A 584 9.68 -8.28 -30.45
CA ALA A 584 10.18 -7.29 -31.38
C ALA A 584 11.61 -7.03 -30.92
N MET A 585 11.73 -6.82 -29.62
CA MET A 585 13.04 -6.55 -29.04
C MET A 585 13.93 -7.80 -28.92
N VAL A 586 13.34 -8.96 -28.64
CA VAL A 586 14.11 -10.21 -28.65
C VAL A 586 14.73 -10.44 -30.04
N ALA A 587 13.90 -10.28 -31.07
CA ALA A 587 14.31 -10.47 -32.45
C ALA A 587 15.36 -9.45 -32.86
N GLN A 588 15.21 -8.22 -32.39
CA GLN A 588 16.21 -7.19 -32.67
C GLN A 588 17.53 -7.56 -32.02
N GLU A 589 17.47 -8.13 -30.81
CA GLU A 589 18.69 -8.60 -30.15
C GLU A 589 19.33 -9.77 -30.90
N LEU A 590 18.51 -10.61 -31.52
CA LEU A 590 19.03 -11.74 -32.29
C LEU A 590 19.70 -11.31 -33.58
N ALA A 591 19.38 -10.12 -34.07
CA ALA A 591 19.93 -9.62 -35.32
C ALA A 591 21.11 -8.69 -35.06
N LAD B . -15.30 5.35 9.59
CA LAD B . -14.50 6.52 9.25
CB LAD B . -13.27 6.59 10.16
CG LAD B . -13.45 7.71 11.18
CD LAD B . -14.23 7.15 12.38
CE LAD B . -14.25 8.20 13.50
NZ LAD B . -15.29 7.82 14.46
C LAD B . -14.03 6.44 7.83
O LAD B . -13.99 5.37 7.27
PA LAD B . -13.07 7.45 5.67
O5' LAD B . -11.73 6.55 5.67
C5' LAD B . -10.74 7.27 6.41
C4' LAD B . -9.40 7.22 5.65
O4' LAD B . -9.42 6.11 4.75
C1' LAD B . -8.60 6.43 3.59
N9 LAD B . -9.27 6.01 2.36
C4 LAD B . -8.71 5.30 1.33
N3 LAD B . -7.51 4.81 1.08
C2 LAD B . -7.27 4.16 -0.04
N1 LAD B . -8.19 3.96 -0.96
C6 LAD B . -9.43 4.43 -0.80
N6 LAD B . -10.39 4.22 -1.78
C5 LAD B . -9.74 5.13 0.38
N7 LAD B . -10.85 5.72 0.88
C8 LAD B . -10.58 6.23 2.04
C2' LAD B . -8.36 7.97 3.62
O2' LAD B . -6.98 8.25 3.86
C3' LAD B . -9.24 8.47 4.79
O3' LAD B . -8.57 9.51 5.51
O1A LAD B . -12.75 8.80 5.17
O2A LAD B . -14.17 6.77 4.72
O3A LAD B . -13.67 7.55 7.17
#